data_8PXZ
#
_entry.id   8PXZ
#
_cell.length_a   77.120
_cell.length_b   95.830
_cell.length_c   59.230
_cell.angle_alpha   90.00
_cell.angle_beta   90.00
_cell.angle_gamma   90.00
#
_symmetry.space_group_name_H-M   'P 21 21 2'
#
loop_
_entity.id
_entity.type
_entity.pdbx_description
1 polymer 'L,D-transpeptidase 2'
2 polymer 'Peptidoglycan tripeptide'
3 polymer 'Peptidoglycan dipeptide'
4 non-polymer 1,2-ETHANEDIOL
5 non-polymer D-ALANINE
6 non-polymer 'CHLORIDE ION'
7 water water
#
loop_
_entity_poly.entity_id
_entity_poly.type
_entity_poly.pdbx_seq_one_letter_code
_entity_poly.pdbx_strand_id
1 'polypeptide(L)'
;QSDLLVPKLTASVTDGAVGVTVDAPVSVTAADGVLAAVTMVNDNGRPVAGRLSPDGLRWSTTEQLGYNRRYTLNATALGL
GGAATRQLTFQTSSPAHLTMPYVMPGDGEVVGVGEPVAIRFDENIADRGAAEKAIKITTNPPVEGAFYWLNNREVRWRPE
HFWKPGTAVDVAVNTYGVDLGEGMFGEDNVQTHFTIGDEVIATADDNTKILTVRVNGEVVKSMPTSMGKDSTPTANGIYI
VGSRYKHIIMDSSTYGVPVNSPNGYRTDVDWATQISYSGVFVHSAPWSVGAQGHTNTSHGCLNVSPSNAQWFYDHVKRGD
IVEVVNTVGGTLPGIDGLGDWNIPWDQWRAGNAKA
;
A
2 'polypeptide(D)' (ZGL)(JGO)(DAL) B
3 'polypeptide(L)' (ZGL)(JGO) C
#
loop_
_chem_comp.id
_chem_comp.type
_chem_comp.name
_chem_comp.formula
CL non-polymer 'CHLORIDE ION' 'Cl -1'
EDO non-polymer 1,2-ETHANEDIOL 'C2 H6 O2'
#
# COMPACT_ATOMS: atom_id res chain seq x y z
N LEU A 4 -32.21 -16.30 43.11
CA LEU A 4 -31.18 -17.21 43.61
C LEU A 4 -29.80 -16.89 42.99
N LEU A 5 -29.78 -16.68 41.68
CA LEU A 5 -28.53 -16.41 40.96
C LEU A 5 -28.23 -14.92 40.97
N VAL A 6 -26.98 -14.58 41.26
CA VAL A 6 -26.55 -13.18 41.32
C VAL A 6 -25.91 -12.82 39.98
N PRO A 7 -26.04 -11.59 39.52
CA PRO A 7 -25.42 -11.22 38.24
C PRO A 7 -23.91 -11.23 38.35
N LYS A 8 -23.26 -11.63 37.26
CA LYS A 8 -21.81 -11.60 37.13
C LYS A 8 -21.42 -10.67 35.97
N LEU A 9 -20.42 -9.84 36.21
CA LEU A 9 -19.97 -8.84 35.25
C LEU A 9 -18.59 -9.21 34.72
N THR A 10 -18.45 -9.21 33.40
CA THR A 10 -17.20 -9.53 32.72
C THR A 10 -16.83 -8.36 31.80
N ALA A 11 -15.57 -7.92 31.89
CA ALA A 11 -15.10 -6.80 31.09
C ALA A 11 -13.95 -7.24 30.20
N SER A 12 -13.72 -6.47 29.13
CA SER A 12 -12.61 -6.75 28.24
C SER A 12 -11.29 -6.23 28.79
N VAL A 13 -11.31 -5.61 29.97
CA VAL A 13 -10.10 -5.13 30.65
C VAL A 13 -10.21 -5.62 32.08
N THR A 14 -9.10 -5.53 32.81
CA THR A 14 -9.09 -5.82 34.24
C THR A 14 -8.75 -4.57 35.05
N ASP A 15 -9.22 -4.54 36.30
CA ASP A 15 -8.92 -3.41 37.17
C ASP A 15 -7.42 -3.26 37.35
N GLY A 16 -6.91 -2.07 37.05
CA GLY A 16 -5.51 -1.80 37.22
C GLY A 16 -4.66 -2.11 36.03
N ALA A 17 -5.24 -2.56 34.92
CA ALA A 17 -4.44 -2.90 33.76
C ALA A 17 -3.69 -1.68 33.23
N VAL A 18 -2.52 -1.95 32.63
CA VAL A 18 -1.79 -0.94 31.88
C VAL A 18 -1.53 -1.47 30.48
N GLY A 19 -1.23 -0.56 29.57
CA GLY A 19 -0.98 -0.97 28.20
C GLY A 19 -2.21 -1.45 27.46
N VAL A 20 -3.39 -1.04 27.88
CA VAL A 20 -4.58 -1.49 27.17
C VAL A 20 -4.56 -0.88 25.78
N THR A 21 -4.71 -1.72 24.75
CA THR A 21 -4.59 -1.25 23.38
C THR A 21 -5.92 -0.68 22.90
N VAL A 22 -5.85 0.35 22.06
CA VAL A 22 -7.03 1.07 21.62
C VAL A 22 -7.41 0.69 20.19
N ASP A 23 -7.02 -0.51 19.73
CA ASP A 23 -7.43 -1.05 18.46
C ASP A 23 -8.76 -1.81 18.55
N ALA A 24 -9.41 -1.81 19.71
CA ALA A 24 -10.72 -2.42 19.86
C ALA A 24 -11.51 -1.66 20.91
N PRO A 25 -12.82 -1.68 20.83
CA PRO A 25 -13.62 -1.06 21.89
C PRO A 25 -13.45 -1.79 23.22
N VAL A 26 -13.77 -1.08 24.30
CA VAL A 26 -13.85 -1.69 25.63
C VAL A 26 -15.30 -2.09 25.85
N SER A 27 -15.51 -3.27 26.44
CA SER A 27 -16.84 -3.80 26.59
C SER A 27 -17.03 -4.44 27.97
N VAL A 28 -18.29 -4.50 28.38
CA VAL A 28 -18.72 -5.13 29.62
C VAL A 28 -19.91 -6.03 29.27
N THR A 29 -19.92 -7.25 29.80
CA THR A 29 -20.99 -8.21 29.57
C THR A 29 -21.50 -8.75 30.90
N ALA A 30 -22.82 -8.91 30.98
CA ALA A 30 -23.48 -9.43 32.17
C ALA A 30 -23.93 -10.86 31.96
N ALA A 31 -23.89 -11.65 33.04
CA ALA A 31 -24.37 -13.03 33.04
C ALA A 31 -25.29 -13.22 34.24
N ASP A 32 -26.32 -14.05 34.06
CA ASP A 32 -27.33 -14.26 35.10
C ASP A 32 -28.03 -12.96 35.46
N GLY A 33 -28.31 -12.13 34.45
CA GLY A 33 -28.93 -10.85 34.68
C GLY A 33 -28.74 -9.94 33.48
N VAL A 34 -29.06 -8.66 33.69
CA VAL A 34 -28.89 -7.66 32.64
C VAL A 34 -28.20 -6.43 33.22
N LEU A 35 -27.53 -5.69 32.35
CA LEU A 35 -26.88 -4.44 32.72
C LEU A 35 -27.93 -3.34 32.84
N ALA A 36 -27.94 -2.67 34.00
CA ALA A 36 -28.83 -1.54 34.16
C ALA A 36 -28.19 -0.28 33.59
N ALA A 37 -26.91 -0.06 33.91
CA ALA A 37 -26.22 1.14 33.42
C ALA A 37 -24.72 0.90 33.48
N VAL A 38 -24.03 1.49 32.52
CA VAL A 38 -22.57 1.48 32.45
C VAL A 38 -22.12 2.90 32.12
N THR A 39 -21.09 3.37 32.82
CA THR A 39 -20.48 4.67 32.55
C THR A 39 -18.97 4.49 32.46
N MET A 40 -18.33 5.31 31.63
CA MET A 40 -16.88 5.39 31.52
C MET A 40 -16.50 6.85 31.36
N VAL A 41 -15.47 7.27 32.10
CA VAL A 41 -14.95 8.62 32.00
C VAL A 41 -13.43 8.56 31.89
N ASN A 42 -12.85 9.60 31.29
CA ASN A 42 -11.40 9.71 31.18
C ASN A 42 -10.83 10.44 32.39
N ASP A 43 -9.50 10.62 32.41
CA ASP A 43 -8.84 11.13 33.60
C ASP A 43 -9.12 12.62 33.82
N ASN A 44 -9.65 13.31 32.81
CA ASN A 44 -10.14 14.67 32.97
C ASN A 44 -11.63 14.73 33.31
N GLY A 45 -12.26 13.58 33.56
CA GLY A 45 -13.65 13.56 33.97
C GLY A 45 -14.66 13.55 32.84
N ARG A 46 -14.22 13.46 31.59
CA ARG A 46 -15.23 13.59 30.53
C ARG A 46 -15.84 12.22 30.21
N PRO A 47 -17.15 12.14 29.98
CA PRO A 47 -17.75 10.85 29.63
C PRO A 47 -17.23 10.33 28.29
N VAL A 48 -17.19 9.02 28.18
CA VAL A 48 -16.85 8.33 26.94
C VAL A 48 -18.13 7.74 26.35
N ALA A 49 -18.37 7.99 25.07
CA ALA A 49 -19.59 7.53 24.43
C ALA A 49 -19.64 6.00 24.40
N GLY A 50 -20.80 5.43 24.78
CA GLY A 50 -20.98 3.99 24.74
C GLY A 50 -22.43 3.65 24.47
N ARG A 51 -22.67 2.36 24.25
CA ARG A 51 -24.00 1.89 23.91
C ARG A 51 -24.27 0.52 24.54
N LEU A 52 -25.42 0.40 25.17
CA LEU A 52 -25.93 -0.85 25.70
C LEU A 52 -26.72 -1.57 24.63
N SER A 53 -26.42 -2.86 24.46
CA SER A 53 -27.15 -3.66 23.48
C SER A 53 -28.64 -3.69 23.80
N PRO A 54 -29.48 -3.90 22.80
CA PRO A 54 -30.92 -3.93 23.06
C PRO A 54 -31.35 -4.94 24.10
N ASP A 55 -30.73 -6.11 24.15
CA ASP A 55 -31.11 -7.11 25.13
C ASP A 55 -30.54 -6.84 26.51
N GLY A 56 -29.76 -5.77 26.67
CA GLY A 56 -29.28 -5.41 27.98
C GLY A 56 -28.10 -6.19 28.48
N LEU A 57 -27.53 -7.06 27.64
CA LEU A 57 -26.48 -7.95 28.09
C LEU A 57 -25.08 -7.45 27.80
N ARG A 58 -24.90 -6.53 26.85
CA ARG A 58 -23.56 -6.13 26.40
C ARG A 58 -23.47 -4.62 26.20
N TRP A 59 -22.45 -4.02 26.81
CA TRP A 59 -22.13 -2.61 26.62
C TRP A 59 -20.77 -2.49 25.95
N SER A 60 -20.64 -1.46 25.13
CA SER A 60 -19.40 -1.25 24.40
C SER A 60 -19.19 0.21 24.10
N THR A 61 -17.93 0.64 24.14
CA THR A 61 -17.58 1.98 23.71
C THR A 61 -17.88 2.14 22.23
N THR A 62 -18.22 3.38 21.84
CA THR A 62 -18.61 3.67 20.45
C THR A 62 -17.74 4.73 19.80
N GLU A 63 -16.81 5.34 20.53
CA GLU A 63 -15.91 6.35 19.99
C GLU A 63 -14.47 5.89 20.17
N GLN A 64 -13.59 6.42 19.32
CA GLN A 64 -12.18 6.11 19.40
C GLN A 64 -11.63 6.48 20.78
N LEU A 65 -10.94 5.54 21.40
CA LEU A 65 -10.23 5.76 22.64
C LEU A 65 -8.83 6.30 22.35
N GLY A 66 -8.25 7.00 23.33
CA GLY A 66 -7.01 7.73 23.13
C GLY A 66 -5.81 7.06 23.76
N TYR A 67 -4.64 7.26 23.14
CA TYR A 67 -3.39 6.86 23.76
C TYR A 67 -3.16 7.62 25.08
N ASN A 68 -2.46 6.95 25.99
CA ASN A 68 -1.93 7.55 27.21
C ASN A 68 -3.01 8.19 28.06
N ARG A 69 -4.15 7.54 28.19
CA ARG A 69 -5.22 7.99 29.05
C ARG A 69 -5.48 6.98 30.15
N ARG A 70 -6.04 7.46 31.26
CA ARG A 70 -6.60 6.60 32.31
C ARG A 70 -8.11 6.71 32.25
N TYR A 71 -8.79 5.56 32.23
CA TYR A 71 -10.23 5.48 32.16
C TYR A 71 -10.78 4.76 33.38
N THR A 72 -11.96 5.16 33.83
CA THR A 72 -12.65 4.56 34.96
C THR A 72 -14.03 4.10 34.51
N LEU A 73 -14.31 2.81 34.71
CA LEU A 73 -15.50 2.13 34.23
C LEU A 73 -16.36 1.73 35.43
N ASN A 74 -17.66 2.03 35.36
CA ASN A 74 -18.59 1.69 36.43
C ASN A 74 -19.79 0.98 35.83
N ALA A 75 -20.03 -0.25 36.26
CA ALA A 75 -21.13 -1.05 35.73
C ALA A 75 -21.98 -1.58 36.86
N THR A 76 -23.28 -1.70 36.59
CA THR A 76 -24.24 -2.25 37.52
C THR A 76 -25.20 -3.13 36.74
N ALA A 77 -25.54 -4.27 37.33
CA ALA A 77 -26.47 -5.22 36.72
C ALA A 77 -27.46 -5.72 37.77
N LEU A 78 -28.58 -6.23 37.27
CA LEU A 78 -29.67 -6.70 38.12
C LEU A 78 -30.04 -8.12 37.74
N GLY A 79 -30.33 -8.94 38.77
CA GLY A 79 -30.81 -10.28 38.56
C GLY A 79 -31.79 -10.67 39.65
N LEU A 80 -32.40 -11.85 39.47
CA LEU A 80 -33.33 -12.35 40.48
C LEU A 80 -32.64 -12.53 41.82
N GLY A 81 -31.35 -12.88 41.82
CA GLY A 81 -30.62 -12.99 43.07
C GLY A 81 -30.38 -11.65 43.72
N GLY A 82 -30.11 -10.63 42.92
CA GLY A 82 -29.89 -9.30 43.46
C GLY A 82 -29.12 -8.44 42.45
N ALA A 83 -28.49 -7.40 42.98
CA ALA A 83 -27.72 -6.47 42.17
C ALA A 83 -26.22 -6.75 42.33
N ALA A 84 -25.47 -6.28 41.33
CA ALA A 84 -24.02 -6.42 41.31
C ALA A 84 -23.41 -5.18 40.69
N THR A 85 -22.32 -4.70 41.29
CA THR A 85 -21.68 -3.46 40.88
C THR A 85 -20.18 -3.61 40.93
N ARG A 86 -19.48 -3.00 39.97
CA ARG A 86 -18.03 -2.96 40.08
C ARG A 86 -17.47 -1.73 39.37
N GLN A 87 -16.27 -1.35 39.79
CA GLN A 87 -15.53 -0.24 39.22
C GLN A 87 -14.17 -0.77 38.78
N LEU A 88 -13.74 -0.32 37.61
CA LEU A 88 -12.46 -0.71 37.06
C LEU A 88 -11.74 0.54 36.55
N THR A 89 -10.43 0.58 36.76
CA THR A 89 -9.60 1.65 36.19
C THR A 89 -8.41 1.04 35.47
N PHE A 90 -8.10 1.57 34.29
CA PHE A 90 -7.05 1.01 33.47
C PHE A 90 -6.43 2.15 32.69
N GLN A 91 -5.22 1.89 32.18
CA GLN A 91 -4.50 2.85 31.36
C GLN A 91 -4.18 2.27 30.01
N THR A 92 -4.23 3.11 28.98
CA THR A 92 -4.03 2.69 27.60
C THR A 92 -2.57 2.88 27.16
N SER A 93 -2.23 2.22 26.05
CA SER A 93 -0.88 2.29 25.50
C SER A 93 -0.34 3.72 25.45
N SER A 94 0.93 3.87 25.81
N SER A 94 0.92 3.88 25.84
CA SER A 94 1.63 5.16 25.77
CA SER A 94 1.63 5.16 25.77
C SER A 94 2.76 5.04 24.75
C SER A 94 2.75 5.03 24.75
N PRO A 95 2.52 5.40 23.49
CA PRO A 95 3.55 5.19 22.47
C PRO A 95 4.79 6.04 22.66
N ALA A 96 5.92 5.50 22.19
CA ALA A 96 7.12 6.32 22.05
C ALA A 96 7.07 7.15 20.78
N HIS A 97 6.47 6.62 19.71
CA HIS A 97 6.38 7.28 18.43
C HIS A 97 5.08 6.87 17.77
N LEU A 98 4.65 7.69 16.80
CA LEU A 98 3.54 7.36 15.93
C LEU A 98 4.04 7.20 14.49
N THR A 99 3.33 6.37 13.73
CA THR A 99 3.61 6.25 12.29
C THR A 99 2.29 6.22 11.53
N MET A 100 2.24 6.94 10.42
CA MET A 100 1.07 7.05 9.59
C MET A 100 1.26 6.24 8.32
N PRO A 101 0.30 5.39 7.96
CA PRO A 101 0.41 4.65 6.70
C PRO A 101 -0.18 5.45 5.55
N TYR A 102 0.39 5.21 4.35
CA TYR A 102 -0.07 5.82 3.11
C TYR A 102 -0.30 4.72 2.09
N VAL A 103 -1.50 4.66 1.52
CA VAL A 103 -1.92 3.53 0.69
C VAL A 103 -2.02 3.96 -0.76
N MET A 104 -1.52 3.12 -1.66
CA MET A 104 -1.72 3.23 -3.10
C MET A 104 -2.30 1.93 -3.61
N PRO A 105 -3.11 1.99 -4.69
CA PRO A 105 -3.44 3.22 -5.43
C PRO A 105 -4.50 4.01 -4.71
N GLY A 106 -4.92 5.12 -5.31
CA GLY A 106 -5.88 6.00 -4.67
C GLY A 106 -7.26 5.38 -4.55
N ASP A 107 -8.01 5.92 -3.62
CA ASP A 107 -9.38 5.51 -3.39
C ASP A 107 -10.24 5.79 -4.63
N GLY A 108 -10.97 4.79 -5.10
CA GLY A 108 -11.83 4.96 -6.25
C GLY A 108 -11.13 4.85 -7.60
N GLU A 109 -9.83 4.60 -7.63
N GLU A 109 -9.84 4.58 -7.65
CA GLU A 109 -9.11 4.55 -8.90
CA GLU A 109 -9.14 4.57 -8.92
C GLU A 109 -9.43 3.27 -9.67
C GLU A 109 -9.35 3.25 -9.66
N VAL A 110 -9.25 3.33 -10.99
CA VAL A 110 -9.20 2.16 -11.86
C VAL A 110 -7.75 1.98 -12.32
N VAL A 111 -7.20 0.77 -12.16
CA VAL A 111 -5.78 0.53 -12.39
C VAL A 111 -5.59 -0.73 -13.23
N GLY A 112 -4.38 -0.90 -13.75
CA GLY A 112 -4.10 -2.04 -14.60
C GLY A 112 -3.87 -3.34 -13.85
N VAL A 113 -3.71 -4.41 -14.62
CA VAL A 113 -3.69 -5.76 -14.06
C VAL A 113 -2.41 -6.02 -13.27
N GLY A 114 -1.44 -5.11 -13.32
CA GLY A 114 -0.22 -5.28 -12.56
C GLY A 114 -0.10 -4.47 -11.30
N GLU A 115 -1.14 -3.79 -10.86
CA GLU A 115 -1.00 -2.85 -9.72
C GLU A 115 -0.97 -3.60 -8.40
N PRO A 116 0.10 -3.51 -7.64
CA PRO A 116 0.08 -4.09 -6.30
C PRO A 116 -0.54 -3.11 -5.30
N VAL A 117 -1.15 -3.65 -4.25
CA VAL A 117 -1.48 -2.86 -3.09
C VAL A 117 -0.19 -2.44 -2.40
N ALA A 118 -0.06 -1.15 -2.10
CA ALA A 118 1.13 -0.62 -1.44
C ALA A 118 0.73 0.10 -0.17
N ILE A 119 1.34 -0.30 0.96
CA ILE A 119 1.19 0.38 2.22
C ILE A 119 2.56 0.88 2.67
N ARG A 120 2.75 2.19 2.61
CA ARG A 120 4.01 2.84 2.96
C ARG A 120 3.83 3.60 4.26
N PHE A 121 4.60 3.20 5.27
CA PHE A 121 4.63 3.93 6.53
C PHE A 121 5.69 5.02 6.49
N ASP A 122 5.50 6.06 7.32
CA ASP A 122 6.46 7.15 7.38
C ASP A 122 7.52 6.94 8.46
N GLU A 123 7.63 5.74 8.99
CA GLU A 123 8.69 5.34 9.92
C GLU A 123 9.10 3.91 9.60
N ASN A 124 10.29 3.51 10.04
CA ASN A 124 10.67 2.09 9.98
C ASN A 124 9.79 1.25 10.90
N ILE A 125 9.40 0.06 10.42
CA ILE A 125 8.51 -0.84 11.13
C ILE A 125 9.34 -1.97 11.73
N ALA A 126 9.40 -2.03 13.05
CA ALA A 126 10.18 -3.06 13.73
C ALA A 126 9.50 -4.41 13.70
N ASP A 127 8.17 -4.43 13.81
CA ASP A 127 7.41 -5.69 13.87
C ASP A 127 6.55 -5.76 12.61
N ARG A 128 7.14 -6.27 11.53
CA ARG A 128 6.44 -6.39 10.28
C ARG A 128 5.25 -7.33 10.40
N GLY A 129 5.37 -8.39 11.20
CA GLY A 129 4.23 -9.30 11.40
C GLY A 129 2.99 -8.58 11.90
N ALA A 130 3.17 -7.67 12.87
CA ALA A 130 2.02 -6.92 13.39
C ALA A 130 1.41 -6.02 12.34
N ALA A 131 2.25 -5.42 11.50
CA ALA A 131 1.76 -4.59 10.43
C ALA A 131 0.93 -5.40 9.45
N GLU A 132 1.47 -6.54 8.98
CA GLU A 132 0.74 -7.39 8.05
C GLU A 132 -0.60 -7.81 8.63
N LYS A 133 -0.63 -8.14 9.93
CA LYS A 133 -1.86 -8.64 10.55
C LYS A 133 -2.94 -7.57 10.62
N ALA A 134 -2.55 -6.30 10.67
CA ALA A 134 -3.51 -5.20 10.75
C ALA A 134 -4.06 -4.76 9.40
N ILE A 135 -3.59 -5.34 8.31
CA ILE A 135 -3.99 -4.96 6.97
C ILE A 135 -4.85 -6.08 6.42
N LYS A 136 -6.10 -5.76 6.09
CA LYS A 136 -7.04 -6.72 5.52
C LYS A 136 -7.30 -6.40 4.06
N ILE A 137 -6.96 -7.33 3.18
CA ILE A 137 -7.20 -7.20 1.75
C ILE A 137 -8.38 -8.10 1.37
N THR A 138 -9.42 -7.52 0.79
CA THR A 138 -10.55 -8.28 0.28
C THR A 138 -10.59 -8.15 -1.24
N THR A 139 -10.92 -9.26 -1.92
CA THR A 139 -10.95 -9.27 -3.38
C THR A 139 -12.21 -9.95 -3.87
N ASN A 140 -12.75 -9.42 -4.98
N ASN A 140 -12.73 -9.44 -4.98
CA ASN A 140 -13.94 -9.96 -5.61
CA ASN A 140 -13.93 -10.00 -5.61
C ASN A 140 -13.79 -9.90 -7.13
C ASN A 140 -13.81 -9.92 -7.12
N PRO A 141 -13.68 -11.06 -7.82
CA PRO A 141 -13.58 -12.43 -7.29
C PRO A 141 -12.40 -12.64 -6.34
N PRO A 142 -12.56 -13.47 -5.33
CA PRO A 142 -11.44 -13.70 -4.40
C PRO A 142 -10.28 -14.35 -5.13
N VAL A 143 -9.08 -13.91 -4.82
CA VAL A 143 -7.87 -14.46 -5.42
C VAL A 143 -6.80 -14.45 -4.35
N GLU A 144 -5.93 -15.47 -4.37
CA GLU A 144 -4.87 -15.57 -3.38
C GLU A 144 -3.86 -14.44 -3.63
N GLY A 145 -3.28 -13.93 -2.54
CA GLY A 145 -2.17 -12.99 -2.60
C GLY A 145 -1.37 -13.03 -1.32
N ALA A 146 -0.32 -12.20 -1.27
CA ALA A 146 0.63 -12.28 -0.17
C ALA A 146 1.41 -10.96 -0.06
N PHE A 147 1.91 -10.72 1.18
CA PHE A 147 2.70 -9.54 1.50
C PHE A 147 4.18 -9.76 1.23
N TYR A 148 4.87 -8.68 0.84
CA TYR A 148 6.32 -8.71 0.72
C TYR A 148 6.83 -7.29 0.88
N TRP A 149 7.85 -7.12 1.72
CA TRP A 149 8.40 -5.81 2.07
C TRP A 149 9.47 -5.41 1.07
N LEU A 150 9.34 -4.21 0.51
CA LEU A 150 10.36 -3.69 -0.40
C LEU A 150 11.52 -3.04 0.33
N ASN A 151 11.27 -2.51 1.52
CA ASN A 151 12.28 -1.89 2.38
C ASN A 151 11.68 -1.82 3.78
N ASN A 152 12.32 -1.08 4.69
CA ASN A 152 11.87 -1.12 6.07
C ASN A 152 10.56 -0.39 6.30
N ARG A 153 10.06 0.36 5.32
CA ARG A 153 8.84 1.13 5.48
C ARG A 153 7.66 0.75 4.60
N GLU A 154 7.89 0.10 3.46
CA GLU A 154 6.83 -0.11 2.49
C GLU A 154 6.62 -1.58 2.23
N VAL A 155 5.38 -2.04 2.39
CA VAL A 155 4.99 -3.40 2.14
C VAL A 155 4.00 -3.43 0.99
N ARG A 156 4.05 -4.50 0.19
CA ARG A 156 3.25 -4.66 -1.00
C ARG A 156 2.44 -5.96 -0.89
N TRP A 157 1.30 -5.99 -1.56
CA TRP A 157 0.44 -7.19 -1.58
C TRP A 157 -0.03 -7.42 -3.00
N ARG A 158 0.14 -8.65 -3.51
CA ARG A 158 -0.28 -8.92 -4.89
C ARG A 158 -0.58 -10.40 -5.02
N PRO A 159 -1.30 -10.79 -6.07
CA PRO A 159 -1.52 -12.20 -6.36
C PRO A 159 -0.36 -12.79 -7.17
N GLU A 160 -0.53 -14.08 -7.50
CA GLU A 160 0.51 -14.84 -8.18
C GLU A 160 0.63 -14.44 -9.64
N HIS A 161 -0.49 -14.21 -10.31
CA HIS A 161 -0.52 -13.73 -11.68
C HIS A 161 -1.22 -12.38 -11.70
N PHE A 162 -1.13 -11.70 -12.86
CA PHE A 162 -1.74 -10.41 -13.03
C PHE A 162 -3.22 -10.50 -12.68
N TRP A 163 -3.77 -9.41 -12.14
CA TRP A 163 -5.18 -9.40 -11.78
C TRP A 163 -6.08 -9.74 -12.96
N LYS A 164 -7.22 -10.35 -12.67
CA LYS A 164 -8.26 -10.48 -13.68
C LYS A 164 -9.02 -9.16 -13.82
N PRO A 165 -9.22 -8.67 -15.05
CA PRO A 165 -10.01 -7.44 -15.22
C PRO A 165 -11.37 -7.52 -14.56
N GLY A 166 -11.78 -6.42 -13.95
CA GLY A 166 -13.05 -6.32 -13.27
C GLY A 166 -13.03 -6.63 -11.79
N THR A 167 -11.91 -7.11 -11.28
CA THR A 167 -11.78 -7.40 -9.85
C THR A 167 -11.90 -6.14 -8.99
N ALA A 168 -12.73 -6.23 -7.96
CA ALA A 168 -12.84 -5.19 -6.94
C ALA A 168 -11.92 -5.55 -5.78
N VAL A 169 -11.17 -4.55 -5.30
CA VAL A 169 -10.21 -4.72 -4.22
C VAL A 169 -10.51 -3.72 -3.12
N ASP A 170 -10.58 -4.22 -1.87
CA ASP A 170 -10.83 -3.39 -0.70
C ASP A 170 -9.66 -3.56 0.25
N VAL A 171 -9.16 -2.44 0.78
CA VAL A 171 -7.98 -2.43 1.64
C VAL A 171 -8.33 -1.72 2.95
N ALA A 172 -8.12 -2.40 4.07
CA ALA A 172 -8.32 -1.78 5.38
C ALA A 172 -7.02 -1.86 6.15
N VAL A 173 -6.41 -0.71 6.44
CA VAL A 173 -5.18 -0.62 7.22
C VAL A 173 -5.59 -0.14 8.61
N ASN A 174 -5.73 -1.10 9.54
CA ASN A 174 -6.24 -0.80 10.88
C ASN A 174 -5.10 -0.82 11.89
N THR A 175 -4.22 0.19 11.78
CA THR A 175 -3.04 0.25 12.65
C THR A 175 -3.21 1.16 13.85
N TYR A 176 -4.31 1.91 13.93
CA TYR A 176 -4.52 2.69 15.14
C TYR A 176 -4.65 1.76 16.35
N GLY A 177 -3.81 2.00 17.36
CA GLY A 177 -3.79 1.16 18.55
C GLY A 177 -2.92 -0.09 18.47
N VAL A 178 -2.28 -0.35 17.35
CA VAL A 178 -1.48 -1.55 17.17
C VAL A 178 -0.04 -1.22 17.51
N ASP A 179 0.60 -2.06 18.34
CA ASP A 179 2.01 -1.92 18.67
C ASP A 179 2.82 -2.42 17.49
N LEU A 180 3.43 -1.53 16.75
CA LEU A 180 4.22 -1.96 15.60
C LEU A 180 5.68 -2.20 15.94
N GLY A 181 6.02 -2.25 17.21
CA GLY A 181 7.37 -2.57 17.67
C GLY A 181 8.12 -1.36 18.18
N GLU A 182 8.94 -1.59 19.22
CA GLU A 182 9.79 -0.57 19.78
C GLU A 182 9.01 0.68 20.17
N GLY A 183 7.77 0.51 20.61
CA GLY A 183 7.00 1.66 21.07
C GLY A 183 6.36 2.48 19.96
N MET A 184 6.40 1.99 18.73
CA MET A 184 5.80 2.65 17.58
C MET A 184 4.35 2.17 17.42
N PHE A 185 3.40 3.10 17.42
CA PHE A 185 1.99 2.79 17.28
C PHE A 185 1.38 3.55 16.10
N GLY A 186 0.33 2.97 15.52
CA GLY A 186 -0.32 3.61 14.38
C GLY A 186 -0.97 4.93 14.74
N GLU A 187 -0.81 5.92 13.85
CA GLU A 187 -1.41 7.22 14.10
C GLU A 187 -2.90 7.24 13.76
N ASP A 188 -3.33 6.44 12.80
CA ASP A 188 -4.70 6.49 12.28
C ASP A 188 -4.93 5.28 11.39
N ASN A 189 -6.20 4.99 11.13
CA ASN A 189 -6.55 3.92 10.19
C ASN A 189 -6.79 4.50 8.81
N VAL A 190 -6.68 3.64 7.79
CA VAL A 190 -6.89 4.01 6.40
C VAL A 190 -7.72 2.93 5.72
N GLN A 191 -8.68 3.36 4.90
CA GLN A 191 -9.59 2.47 4.18
C GLN A 191 -9.64 2.94 2.73
N THR A 192 -9.44 2.02 1.78
CA THR A 192 -9.44 2.43 0.39
C THR A 192 -9.89 1.27 -0.51
N HIS A 193 -10.32 1.65 -1.71
CA HIS A 193 -10.94 0.71 -2.63
C HIS A 193 -10.53 1.09 -4.05
N PHE A 194 -10.30 0.06 -4.87
CA PHE A 194 -9.95 0.27 -6.27
C PHE A 194 -10.40 -0.90 -7.11
N THR A 195 -10.38 -0.70 -8.43
CA THR A 195 -10.91 -1.63 -9.41
C THR A 195 -9.90 -1.85 -10.52
N ILE A 196 -9.85 -3.08 -11.01
CA ILE A 196 -8.96 -3.45 -12.11
C ILE A 196 -9.69 -3.25 -13.43
N GLY A 197 -9.02 -2.60 -14.37
CA GLY A 197 -9.56 -2.32 -15.69
C GLY A 197 -9.04 -3.29 -16.75
N ASP A 198 -9.01 -2.80 -17.99
CA ASP A 198 -8.56 -3.63 -19.10
C ASP A 198 -7.15 -4.16 -18.88
N GLU A 199 -6.86 -5.30 -19.49
CA GLU A 199 -5.50 -5.84 -19.54
C GLU A 199 -4.71 -5.11 -20.61
N VAL A 200 -3.66 -4.39 -20.21
CA VAL A 200 -2.88 -3.59 -21.15
C VAL A 200 -1.43 -3.99 -20.96
N ILE A 201 -0.84 -4.64 -21.96
CA ILE A 201 0.53 -5.14 -21.88
C ILE A 201 1.28 -4.66 -23.11
N ALA A 202 2.27 -3.81 -22.91
CA ALA A 202 3.15 -3.33 -23.96
C ALA A 202 4.45 -4.09 -23.89
N THR A 203 4.89 -4.64 -25.02
CA THR A 203 6.13 -5.39 -25.09
C THR A 203 7.16 -4.60 -25.89
N ALA A 204 8.29 -4.32 -25.27
CA ALA A 204 9.43 -3.70 -25.95
C ALA A 204 10.44 -4.78 -26.24
N ASP A 205 10.63 -5.10 -27.52
CA ASP A 205 11.47 -6.18 -27.97
C ASP A 205 12.73 -5.61 -28.59
N ASP A 206 13.87 -5.81 -27.93
CA ASP A 206 15.11 -5.28 -28.46
C ASP A 206 15.47 -5.91 -29.79
N ASN A 207 14.99 -7.14 -30.03
CA ASN A 207 15.26 -7.82 -31.29
C ASN A 207 14.61 -7.09 -32.46
N THR A 208 13.46 -6.44 -32.25
CA THR A 208 12.84 -5.63 -33.29
C THR A 208 12.93 -4.13 -33.02
N LYS A 209 13.22 -3.74 -31.79
CA LYS A 209 13.20 -2.32 -31.39
C LYS A 209 11.83 -1.69 -31.68
N ILE A 210 10.79 -2.41 -31.29
CA ILE A 210 9.43 -1.93 -31.41
C ILE A 210 8.73 -2.14 -30.07
N LEU A 211 7.95 -1.15 -29.65
CA LEU A 211 7.11 -1.22 -28.47
C LEU A 211 5.69 -1.45 -28.98
N THR A 212 5.13 -2.62 -28.70
CA THR A 212 3.81 -3.02 -29.17
C THR A 212 2.84 -3.05 -27.99
N VAL A 213 1.75 -2.34 -28.11
CA VAL A 213 0.76 -2.24 -27.03
C VAL A 213 -0.41 -3.15 -27.39
N ARG A 214 -0.72 -4.10 -26.51
CA ARG A 214 -1.86 -5.00 -26.68
C ARG A 214 -2.86 -4.76 -25.56
N VAL A 215 -4.11 -4.51 -25.94
CA VAL A 215 -5.21 -4.33 -25.00
C VAL A 215 -6.12 -5.55 -25.12
N ASN A 216 -6.20 -6.33 -24.05
CA ASN A 216 -6.99 -7.57 -24.01
C ASN A 216 -6.66 -8.46 -25.20
N GLY A 217 -5.37 -8.59 -25.50
CA GLY A 217 -4.90 -9.45 -26.57
C GLY A 217 -4.83 -8.81 -27.95
N GLU A 218 -5.44 -7.66 -28.15
CA GLU A 218 -5.51 -7.02 -29.45
C GLU A 218 -4.40 -5.98 -29.58
N VAL A 219 -3.63 -6.07 -30.67
CA VAL A 219 -2.61 -5.07 -30.98
C VAL A 219 -3.32 -3.78 -31.35
N VAL A 220 -3.02 -2.70 -30.63
CA VAL A 220 -3.61 -1.39 -30.92
C VAL A 220 -2.58 -0.35 -31.33
N LYS A 221 -1.30 -0.53 -31.01
CA LYS A 221 -0.30 0.45 -31.40
C LYS A 221 1.06 -0.23 -31.50
N SER A 222 1.84 0.15 -32.51
CA SER A 222 3.22 -0.28 -32.69
C SER A 222 4.11 0.94 -32.78
N MET A 223 5.04 1.10 -31.82
CA MET A 223 5.84 2.32 -31.75
C MET A 223 7.31 1.98 -31.92
N PRO A 224 8.00 2.52 -32.93
CA PRO A 224 9.47 2.36 -32.95
C PRO A 224 10.07 2.98 -31.70
N THR A 225 11.09 2.32 -31.16
CA THR A 225 11.72 2.82 -29.94
C THR A 225 13.23 2.76 -30.04
N SER A 226 13.89 3.65 -29.27
CA SER A 226 15.34 3.62 -29.04
C SER A 226 15.51 3.47 -27.53
N MET A 227 16.03 2.32 -27.10
CA MET A 227 16.21 2.06 -25.68
C MET A 227 17.65 2.36 -25.26
N GLY A 228 18.05 1.85 -24.09
CA GLY A 228 19.37 2.21 -23.57
C GLY A 228 20.49 1.65 -24.43
N LYS A 229 21.51 2.48 -24.66
CA LYS A 229 22.68 2.02 -25.40
C LYS A 229 23.43 0.94 -24.62
N ASP A 230 24.40 0.32 -25.30
CA ASP A 230 25.02 -0.87 -24.76
C ASP A 230 25.67 -0.60 -23.41
N SER A 231 26.30 0.57 -23.23
CA SER A 231 26.97 0.85 -21.96
C SER A 231 26.00 1.19 -20.83
N THR A 232 24.78 1.62 -21.16
CA THR A 232 23.75 1.91 -20.16
C THR A 232 22.44 1.34 -20.67
N PRO A 233 22.32 0.01 -20.73
CA PRO A 233 21.17 -0.61 -21.40
C PRO A 233 19.92 -0.64 -20.53
N THR A 234 18.79 -0.84 -21.19
CA THR A 234 17.53 -1.03 -20.51
C THR A 234 17.46 -2.45 -19.98
N ALA A 235 17.17 -2.61 -18.70
CA ALA A 235 17.08 -3.94 -18.12
C ALA A 235 15.86 -4.67 -18.65
N ASN A 236 15.99 -5.99 -18.78
CA ASN A 236 14.87 -6.84 -19.13
C ASN A 236 13.97 -7.08 -17.93
N GLY A 237 12.71 -7.37 -18.20
CA GLY A 237 11.81 -7.83 -17.16
C GLY A 237 10.45 -7.17 -17.26
N ILE A 238 9.69 -7.31 -16.17
CA ILE A 238 8.33 -6.80 -16.07
C ILE A 238 8.35 -5.49 -15.30
N TYR A 239 7.81 -4.45 -15.93
CA TYR A 239 7.72 -3.11 -15.32
C TYR A 239 6.26 -2.77 -15.09
N ILE A 240 5.95 -2.21 -13.93
CA ILE A 240 4.62 -1.67 -13.62
C ILE A 240 4.58 -0.18 -13.94
N VAL A 241 3.53 0.26 -14.66
CA VAL A 241 3.36 1.68 -14.94
C VAL A 241 3.03 2.41 -13.65
N GLY A 242 3.71 3.52 -13.42
CA GLY A 242 3.44 4.38 -12.30
C GLY A 242 2.81 5.70 -12.69
N SER A 243 3.44 6.81 -12.30
CA SER A 243 2.89 8.14 -12.58
C SER A 243 3.17 8.59 -14.01
N ARG A 244 2.37 9.55 -14.46
CA ARG A 244 2.42 10.11 -15.80
C ARG A 244 2.59 11.63 -15.71
N TYR A 245 3.35 12.22 -16.64
CA TYR A 245 3.69 13.62 -16.59
C TYR A 245 3.53 14.22 -17.98
N LYS A 246 2.84 15.36 -18.05
CA LYS A 246 2.77 16.10 -19.31
C LYS A 246 4.14 16.63 -19.68
N HIS A 247 4.95 16.96 -18.68
CA HIS A 247 6.38 17.26 -18.89
C HIS A 247 7.10 17.06 -17.58
N ILE A 248 8.39 16.73 -17.68
CA ILE A 248 9.22 16.53 -16.49
C ILE A 248 10.67 16.73 -16.87
N ILE A 249 11.46 17.23 -15.94
CA ILE A 249 12.90 17.32 -16.14
C ILE A 249 13.48 16.06 -15.53
N MET A 250 14.01 15.19 -16.37
CA MET A 250 14.71 13.99 -15.87
C MET A 250 16.13 14.40 -15.45
N ASP A 251 16.48 14.04 -14.23
CA ASP A 251 17.73 14.47 -13.60
C ASP A 251 18.44 13.22 -13.08
N SER A 252 19.59 12.92 -13.67
CA SER A 252 20.29 11.68 -13.30
C SER A 252 20.73 11.68 -11.85
N SER A 253 20.99 12.87 -11.27
CA SER A 253 21.40 12.94 -9.87
C SER A 253 20.30 12.42 -8.95
N THR A 254 19.06 12.43 -9.41
CA THR A 254 17.98 11.86 -8.63
C THR A 254 18.20 10.37 -8.39
N TYR A 255 18.93 9.71 -9.30
CA TYR A 255 19.27 8.30 -9.18
C TYR A 255 20.75 8.09 -8.83
N GLY A 256 21.39 9.10 -8.29
CA GLY A 256 22.74 8.99 -7.79
C GLY A 256 23.86 9.29 -8.76
N VAL A 257 23.55 9.61 -10.02
CA VAL A 257 24.57 9.86 -11.02
C VAL A 257 24.70 11.37 -11.18
N PRO A 258 25.85 11.97 -10.84
CA PRO A 258 26.03 13.41 -11.07
C PRO A 258 25.73 13.78 -12.51
N VAL A 259 25.12 14.95 -12.69
CA VAL A 259 24.72 15.39 -14.02
C VAL A 259 25.93 15.56 -14.92
N ASN A 260 27.02 16.06 -14.38
CA ASN A 260 28.20 16.34 -15.18
C ASN A 260 29.21 15.19 -15.15
N SER A 261 28.76 13.98 -14.90
N SER A 261 28.76 13.98 -14.90
CA SER A 261 29.58 12.79 -14.99
CA SER A 261 29.58 12.79 -14.99
C SER A 261 29.31 12.09 -16.32
C SER A 261 29.32 12.10 -16.31
N PRO A 262 30.20 11.18 -16.73
CA PRO A 262 30.04 10.56 -18.06
C PRO A 262 28.65 10.05 -18.40
N ASN A 263 27.93 9.45 -17.46
CA ASN A 263 26.59 8.94 -17.73
C ASN A 263 25.49 9.86 -17.20
N GLY A 264 25.82 11.12 -16.87
CA GLY A 264 24.82 12.00 -16.35
C GLY A 264 24.02 12.68 -17.44
N TYR A 265 22.87 13.23 -17.03
CA TYR A 265 21.92 13.83 -17.95
C TYR A 265 21.01 14.76 -17.14
N ARG A 266 20.59 15.83 -17.78
CA ARG A 266 19.41 16.61 -17.36
C ARG A 266 18.63 16.97 -18.61
N THR A 267 17.40 16.50 -18.72
CA THR A 267 16.64 16.66 -19.95
C THR A 267 15.19 16.96 -19.64
N ASP A 268 14.68 18.05 -20.19
CA ASP A 268 13.28 18.43 -20.10
C ASP A 268 12.55 17.71 -21.23
N VAL A 269 11.58 16.86 -20.88
CA VAL A 269 10.89 16.07 -21.89
C VAL A 269 9.38 16.16 -21.71
N ASP A 270 8.67 15.79 -22.77
CA ASP A 270 7.20 15.78 -22.80
C ASP A 270 6.66 14.37 -22.69
N TRP A 271 5.42 14.26 -22.20
CA TRP A 271 4.62 13.03 -22.21
C TRP A 271 5.44 11.84 -21.69
N ALA A 272 5.78 11.92 -20.41
CA ALA A 272 6.65 10.96 -19.77
C ALA A 272 5.85 10.05 -18.85
N THR A 273 5.91 8.74 -19.09
CA THR A 273 5.30 7.73 -18.27
C THR A 273 6.38 6.94 -17.55
N GLN A 274 6.36 6.99 -16.21
CA GLN A 274 7.39 6.34 -15.43
C GLN A 274 7.08 4.87 -15.25
N ILE A 275 8.06 4.01 -15.52
CA ILE A 275 7.89 2.57 -15.35
C ILE A 275 8.91 1.95 -14.41
N SER A 276 9.87 2.72 -13.89
CA SER A 276 10.72 2.22 -12.82
C SER A 276 11.17 3.34 -11.88
N TYR A 277 11.38 2.99 -10.62
CA TYR A 277 11.96 3.93 -9.68
C TYR A 277 13.41 4.20 -10.05
N SER A 278 14.04 3.33 -10.82
CA SER A 278 15.43 3.53 -11.20
C SER A 278 15.57 4.60 -12.28
N GLY A 279 14.46 5.13 -12.81
CA GLY A 279 14.49 6.24 -13.74
C GLY A 279 14.08 5.95 -15.15
N VAL A 280 13.53 4.77 -15.43
CA VAL A 280 13.12 4.43 -16.78
C VAL A 280 11.74 5.01 -17.08
N PHE A 281 11.65 5.81 -18.14
CA PHE A 281 10.39 6.37 -18.61
C PHE A 281 10.18 6.02 -20.08
N VAL A 282 8.91 5.94 -20.48
CA VAL A 282 8.52 6.13 -21.87
C VAL A 282 8.26 7.61 -22.07
N HIS A 283 8.92 8.23 -23.04
CA HIS A 283 8.75 9.68 -23.21
C HIS A 283 9.07 10.12 -24.62
N SER A 284 8.67 11.37 -24.92
CA SER A 284 8.92 11.92 -26.25
C SER A 284 10.39 12.22 -26.43
N ALA A 285 10.95 11.83 -27.57
CA ALA A 285 12.37 12.06 -27.90
C ALA A 285 12.50 12.47 -29.35
N PRO A 286 12.15 13.72 -29.66
CA PRO A 286 12.30 14.19 -31.05
C PRO A 286 13.70 13.99 -31.63
N TRP A 287 14.74 13.99 -30.78
CA TRP A 287 16.11 13.98 -31.29
C TRP A 287 16.52 12.61 -31.79
N SER A 288 15.82 11.54 -31.40
CA SER A 288 16.22 10.18 -31.73
C SER A 288 15.21 9.47 -32.63
N VAL A 289 14.35 10.21 -33.33
CA VAL A 289 13.33 9.59 -34.16
C VAL A 289 13.96 8.65 -35.18
N GLY A 290 15.03 9.10 -35.84
CA GLY A 290 15.65 8.27 -36.86
C GLY A 290 16.23 6.98 -36.30
N ALA A 291 16.79 7.05 -35.08
CA ALA A 291 17.33 5.85 -34.45
C ALA A 291 16.23 4.93 -33.93
N GLN A 292 15.07 5.47 -33.62
CA GLN A 292 13.98 4.67 -33.07
C GLN A 292 13.59 3.57 -34.07
N GLY A 293 13.58 2.33 -33.59
CA GLY A 293 13.40 1.17 -34.44
C GLY A 293 14.66 0.62 -35.05
N HIS A 294 15.82 1.20 -34.72
CA HIS A 294 17.06 0.73 -35.35
C HIS A 294 18.24 0.62 -34.40
N THR A 295 18.51 1.67 -33.61
CA THR A 295 19.65 1.60 -32.70
C THR A 295 19.29 2.21 -31.35
N ASN A 296 19.88 1.64 -30.29
CA ASN A 296 19.68 2.15 -28.95
C ASN A 296 20.62 3.31 -28.66
N THR A 297 20.08 4.35 -28.01
CA THR A 297 20.83 5.60 -27.81
C THR A 297 20.63 6.28 -26.46
N SER A 298 19.79 5.75 -25.57
CA SER A 298 19.42 6.44 -24.34
C SER A 298 20.26 5.93 -23.18
N HIS A 299 20.03 6.49 -21.99
CA HIS A 299 20.65 5.93 -20.78
C HIS A 299 19.73 4.88 -20.13
N GLY A 300 18.63 4.53 -20.77
CA GLY A 300 17.71 3.55 -20.23
C GLY A 300 16.25 3.77 -20.58
N CYS A 301 15.88 5.02 -20.84
CA CYS A 301 14.50 5.31 -21.13
C CYS A 301 14.09 4.66 -22.47
N LEU A 302 12.80 4.38 -22.59
CA LEU A 302 12.20 3.99 -23.87
C LEU A 302 11.86 5.27 -24.64
N ASN A 303 12.77 5.67 -25.51
CA ASN A 303 12.53 6.81 -26.37
C ASN A 303 11.56 6.46 -27.51
N VAL A 304 10.52 7.28 -27.67
CA VAL A 304 9.57 7.12 -28.77
C VAL A 304 9.24 8.49 -29.35
N SER A 305 8.51 8.49 -30.48
CA SER A 305 8.16 9.75 -31.13
C SER A 305 7.26 10.61 -30.24
N PRO A 306 7.21 11.93 -30.50
CA PRO A 306 6.30 12.77 -29.72
C PRO A 306 4.85 12.28 -29.76
N SER A 307 4.34 11.96 -30.95
CA SER A 307 2.93 11.55 -31.04
C SER A 307 2.71 10.22 -30.32
N ASN A 308 3.67 9.30 -30.44
CA ASN A 308 3.54 8.02 -29.76
C ASN A 308 3.67 8.17 -28.24
N ALA A 309 4.57 9.04 -27.76
CA ALA A 309 4.69 9.26 -26.33
C ALA A 309 3.38 9.82 -25.76
N GLN A 310 2.72 10.70 -26.52
CA GLN A 310 1.46 11.28 -26.05
C GLN A 310 0.35 10.24 -26.08
N TRP A 311 0.37 9.36 -27.09
CA TRP A 311 -0.59 8.26 -27.15
C TRP A 311 -0.46 7.38 -25.91
N PHE A 312 0.78 6.96 -25.60
CA PHE A 312 1.04 6.19 -24.39
C PHE A 312 0.49 6.90 -23.16
N TYR A 313 0.79 8.21 -23.04
CA TYR A 313 0.29 8.98 -21.90
C TYR A 313 -1.23 8.92 -21.83
N ASP A 314 -1.92 9.02 -22.96
CA ASP A 314 -3.36 9.15 -22.96
C ASP A 314 -4.08 7.82 -22.77
N HIS A 315 -3.44 6.71 -23.11
CA HIS A 315 -4.13 5.44 -23.20
C HIS A 315 -3.61 4.40 -22.23
N VAL A 316 -2.49 4.65 -21.56
CA VAL A 316 -1.94 3.73 -20.56
C VAL A 316 -2.16 4.30 -19.18
N LYS A 317 -2.49 3.46 -18.21
CA LYS A 317 -2.86 3.91 -16.87
C LYS A 317 -1.93 3.28 -15.85
N ARG A 318 -1.98 3.82 -14.62
CA ARG A 318 -1.23 3.25 -13.51
C ARG A 318 -1.55 1.75 -13.36
N GLY A 319 -0.53 0.93 -13.25
CA GLY A 319 -0.71 -0.49 -13.05
C GLY A 319 -0.73 -1.34 -14.31
N ASP A 320 -0.86 -0.74 -15.50
CA ASP A 320 -0.63 -1.42 -16.75
C ASP A 320 0.82 -1.90 -16.76
N ILE A 321 1.17 -2.72 -17.76
CA ILE A 321 2.42 -3.47 -17.74
C ILE A 321 3.26 -3.16 -18.96
N VAL A 322 4.56 -3.01 -18.74
CA VAL A 322 5.53 -2.96 -19.82
C VAL A 322 6.53 -4.08 -19.59
N GLU A 323 6.71 -4.92 -20.59
CA GLU A 323 7.68 -6.01 -20.52
C GLU A 323 8.78 -5.73 -21.54
N VAL A 324 10.02 -5.75 -21.07
CA VAL A 324 11.20 -5.54 -21.88
C VAL A 324 11.87 -6.89 -22.06
N VAL A 325 12.24 -7.23 -23.31
CA VAL A 325 12.87 -8.51 -23.61
C VAL A 325 14.02 -8.35 -24.58
N ASN A 326 14.99 -9.27 -24.48
CA ASN A 326 16.08 -9.44 -25.43
C ASN A 326 17.08 -8.30 -25.45
N THR A 327 17.12 -7.46 -24.41
CA THR A 327 18.17 -6.44 -24.37
C THR A 327 19.47 -7.06 -23.90
N VAL A 328 20.57 -6.31 -24.06
CA VAL A 328 21.85 -6.72 -23.48
C VAL A 328 21.94 -6.40 -21.99
N GLY A 329 20.88 -5.87 -21.41
CA GLY A 329 20.89 -5.57 -19.99
C GLY A 329 20.62 -6.80 -19.13
N GLY A 330 20.65 -6.58 -17.83
CA GLY A 330 20.26 -7.60 -16.87
C GLY A 330 18.76 -7.59 -16.69
N THR A 331 18.32 -7.94 -15.48
CA THR A 331 16.90 -7.99 -15.14
C THR A 331 16.58 -6.91 -14.10
N LEU A 332 15.44 -6.26 -14.27
CA LEU A 332 15.02 -5.24 -13.33
C LEU A 332 14.92 -5.82 -11.92
N PRO A 333 15.48 -5.14 -10.93
CA PRO A 333 15.38 -5.66 -9.55
C PRO A 333 13.95 -5.78 -9.06
N GLY A 334 13.68 -6.87 -8.34
CA GLY A 334 12.34 -7.08 -7.81
C GLY A 334 11.91 -6.03 -6.82
N ILE A 335 12.86 -5.43 -6.10
CA ILE A 335 12.53 -4.42 -5.12
C ILE A 335 12.75 -3.00 -5.66
N ASP A 336 12.78 -2.83 -6.98
CA ASP A 336 12.95 -1.50 -7.55
C ASP A 336 11.92 -0.52 -7.02
N GLY A 337 10.67 -0.95 -6.88
CA GLY A 337 9.57 -0.03 -6.58
C GLY A 337 8.43 -0.24 -7.56
N LEU A 338 8.78 -0.60 -8.80
CA LEU A 338 7.83 -0.94 -9.84
C LEU A 338 8.20 -2.28 -10.48
N GLY A 339 9.08 -3.04 -9.84
CA GLY A 339 9.53 -4.31 -10.39
C GLY A 339 9.01 -5.54 -9.68
N ASP A 340 7.93 -5.38 -8.91
CA ASP A 340 7.45 -6.46 -8.01
C ASP A 340 7.30 -7.81 -8.72
N TRP A 341 6.86 -7.79 -9.98
CA TRP A 341 6.53 -9.05 -10.64
C TRP A 341 7.78 -9.83 -11.04
N ASN A 342 8.96 -9.27 -10.93
CA ASN A 342 10.17 -10.02 -11.21
C ASN A 342 10.62 -10.88 -10.03
N ILE A 343 9.99 -10.75 -8.87
CA ILE A 343 10.24 -11.65 -7.74
C ILE A 343 9.43 -12.93 -7.97
N PRO A 344 10.05 -14.09 -7.97
CA PRO A 344 9.29 -15.34 -8.16
C PRO A 344 8.27 -15.56 -7.06
N TRP A 345 7.11 -16.12 -7.46
CA TRP A 345 6.00 -16.26 -6.52
C TRP A 345 6.40 -17.03 -5.26
N ASP A 346 7.14 -18.13 -5.42
CA ASP A 346 7.57 -18.86 -4.23
C ASP A 346 8.27 -17.93 -3.23
N GLN A 347 9.15 -17.05 -3.71
CA GLN A 347 9.83 -16.13 -2.80
C GLN A 347 8.88 -15.06 -2.27
N TRP A 348 8.06 -14.50 -3.14
CA TRP A 348 7.09 -13.50 -2.67
C TRP A 348 6.21 -14.09 -1.58
N ARG A 349 5.58 -15.23 -1.86
CA ARG A 349 4.63 -15.81 -0.92
C ARG A 349 5.28 -16.14 0.42
N ALA A 350 6.50 -16.67 0.41
CA ALA A 350 7.20 -16.90 1.67
C ALA A 350 7.43 -15.58 2.45
N GLY A 351 7.43 -14.44 1.78
CA GLY A 351 7.51 -13.14 2.47
C GLY A 351 8.85 -12.93 3.20
N ASN A 352 8.93 -11.78 3.88
CA ASN A 352 10.15 -11.41 4.59
C ASN A 352 9.81 -10.65 5.87
N ALA A 353 8.74 -11.06 6.55
CA ALA A 353 8.34 -10.38 7.79
C ALA A 353 9.33 -10.64 8.93
N LYS A 354 10.20 -11.63 8.78
CA LYS A 354 11.13 -12.02 9.83
C LYS A 354 10.42 -12.30 11.15
CD ZGL B 1 4.11 10.41 12.49
N ZGL B 1 6.33 10.04 13.23
O2 ZGL B 1 3.91 10.82 13.57
N1 ZGL B 1 3.04 10.22 11.55
CA ZGL B 1 5.53 10.12 12.03
CB ZGL B 1 6.08 11.19 11.09
C ZGL B 1 8.44 11.43 9.95
CG ZGL B 1 7.60 11.18 11.20
O ZGL B 1 7.99 11.29 8.89
C JGO B 2 10.32 11.85 7.80
CA JGO B 2 10.80 12.16 9.20
CB JGO B 2 12.03 11.27 9.52
CG JGO B 2 11.83 10.30 10.69
CD JGO B 2 12.90 9.21 10.74
CE JGO B 2 13.84 9.26 11.95
CZ JGO B 2 14.33 7.82 12.22
O JGO B 2 10.53 10.77 7.32
OH2 JGO B 2 14.41 7.02 11.33
N JGO B 2 9.81 11.87 10.20
NZ JGO B 2 13.21 9.77 13.14
NH1 JGO B 2 14.69 7.40 13.57
N DAL B 3 9.61 12.86 7.01
CA DAL B 3 9.32 14.18 7.53
CB DAL B 3 7.80 14.35 7.63
C DAL B 3 9.86 15.23 6.55
O DAL B 3 9.06 16.01 5.95
OXT DAL B 3 11.09 15.31 6.32
CD ZGL C 1 18.89 2.58 -15.78
N ZGL C 1 20.76 4.17 -15.95
O2 ZGL C 1 19.29 1.98 -14.83
N1 ZGL C 1 18.00 1.91 -16.72
CA ZGL C 1 19.31 4.04 -16.02
CB ZGL C 1 18.64 4.93 -14.98
C ZGL C 1 17.10 5.79 -16.76
CG ZGL C 1 17.95 6.19 -15.56
O ZGL C 1 16.79 4.67 -16.82
C JGO C 2 16.01 7.63 -19.47
CA JGO C 2 16.87 7.98 -18.22
CB JGO C 2 17.98 8.67 -18.90
CG JGO C 2 17.61 9.79 -19.94
CD JGO C 2 17.90 9.29 -21.37
CE JGO C 2 17.66 10.21 -22.59
CZ JGO C 2 18.26 11.60 -22.43
O JGO C 2 16.71 7.11 -20.34
OH2 JGO C 2 18.11 12.20 -21.44
N JGO C 2 16.67 6.58 -17.89
NZ JGO C 2 16.21 10.26 -22.83
NH1 JGO C 2 19.03 12.16 -23.52
C1 EDO D . 9.02 7.53 -6.82
O1 EDO D . 10.15 7.34 -5.94
C2 EDO D . 7.72 7.36 -6.03
O2 EDO D . 7.75 8.15 -4.81
N DAL E . 19.28 18.41 -26.62
CA DAL E . 18.65 17.60 -25.55
CB DAL E . 19.07 18.12 -24.19
C DAL E . 19.05 16.14 -25.76
O DAL E . 20.20 15.93 -26.15
OXT DAL E . 18.20 15.29 -25.55
CL CL F . -10.05 15.34 28.05
#